data_2TDD
#
_entry.id   2TDD
#
_cell.length_a   78.400
_cell.length_b   78.400
_cell.length_c   242.200
_cell.angle_alpha   90.00
_cell.angle_beta   90.00
_cell.angle_gamma   120.00
#
_symmetry.space_group_name_H-M   'P 61 2 2'
#
loop_
_entity.id
_entity.type
_entity.pdbx_description
1 polymer 'THYMIDYLATE SYNTHASE'
2 non-polymer '5-HYDROXYMETHYLENE-6-HYDROFOLIC ACID'
3 non-polymer "5-FLUORO-2'-DEOXYURIDINE-5'-MONOPHOSPHATE"
4 water water
#
_entity_poly.entity_id   1
_entity_poly.type   'polypeptide(L)'
_entity_poly.pdbx_seq_one_letter_code
;MLEQPYLDLAKKVLDEGHFKPDRTHTGTYSIFGHQMRFDLSKGFPLLTTKKVPFGLIKSELLWFLHGDTNIRFLLQHRNH
IWDEWAFEKWVKSDEYHGPDMTDFGHRSQKDPEFAAVYHEEMAKFDDRVLHDDAFAAKYGDLGLVYGSQWRAWHTSKGDT
IDQLGDVIEQIKTHPYSRRLIVSAWNPEDVPTMALPPCHTLYQFYVNDGKLSLQLYQRSADIFLGVPFNIASYALLTHLV
AHECGLEVGEFIHTFGDAHLYVNHLDQIKEQLSRTPRPAPTLQLNPDKHDIFDFDMKDIKLLNYDPYPAIKAPVA
;
_entity_poly.pdbx_strand_id   A
#
loop_
_chem_comp.id
_chem_comp.type
_chem_comp.name
_chem_comp.formula
THF non-polymer '5-HYDROXYMETHYLENE-6-HYDROFOLIC ACID' 'C20 H23 N7 O7'
UFP DNA linking 5-FLUORO-2'-DEOXYURIDINE-5'-MONOPHOSPHATE 'C9 H12 F N2 O8 P'
#
# COMPACT_ATOMS: atom_id res chain seq x y z
N MET A 1 6.59 -15.82 -16.95
CA MET A 1 5.29 -15.56 -16.32
C MET A 1 5.26 -14.10 -15.81
N LEU A 2 4.11 -13.56 -15.34
CA LEU A 2 4.04 -12.16 -15.00
C LEU A 2 4.69 -11.99 -13.65
N GLU A 3 4.29 -12.53 -12.52
CA GLU A 3 4.98 -12.12 -11.29
C GLU A 3 6.36 -12.69 -11.07
N GLN A 4 7.14 -12.85 -12.13
CA GLN A 4 8.43 -13.44 -11.97
C GLN A 4 9.52 -12.44 -11.66
N PRO A 5 9.57 -11.16 -12.06
CA PRO A 5 10.44 -10.15 -11.44
C PRO A 5 10.52 -10.23 -9.91
N TYR A 6 9.37 -10.66 -9.30
CA TYR A 6 9.20 -10.68 -7.87
C TYR A 6 9.87 -11.87 -7.27
N LEU A 7 9.57 -13.03 -7.81
CA LEU A 7 10.08 -14.28 -7.28
C LEU A 7 11.58 -14.18 -7.34
N ASP A 8 12.09 -13.65 -8.46
CA ASP A 8 13.50 -13.39 -8.63
C ASP A 8 14.10 -12.44 -7.61
N LEU A 9 13.40 -11.37 -7.27
CA LEU A 9 13.76 -10.43 -6.23
C LEU A 9 14.01 -11.23 -4.97
N ALA A 10 13.09 -12.11 -4.57
CA ALA A 10 13.24 -12.84 -3.31
C ALA A 10 14.42 -13.79 -3.40
N LYS A 11 14.54 -14.50 -4.51
CA LYS A 11 15.73 -15.30 -4.77
C LYS A 11 16.94 -14.39 -4.62
N LYS A 12 16.99 -13.17 -5.10
CA LYS A 12 18.22 -12.40 -5.03
C LYS A 12 18.48 -11.87 -3.63
N VAL A 13 17.47 -11.63 -2.82
CA VAL A 13 17.67 -11.11 -1.46
C VAL A 13 18.36 -12.22 -0.71
N LEU A 14 17.95 -13.43 -1.00
CA LEU A 14 18.52 -14.59 -0.39
C LEU A 14 19.98 -14.79 -0.88
N ASP A 15 20.24 -14.86 -2.19
CA ASP A 15 21.55 -15.09 -2.72
C ASP A 15 22.58 -13.98 -2.59
N GLU A 16 22.40 -12.72 -3.02
CA GLU A 16 23.41 -11.67 -2.81
C GLU A 16 23.10 -10.96 -1.45
N GLY A 17 21.93 -11.11 -0.82
CA GLY A 17 21.53 -10.42 0.42
C GLY A 17 22.46 -10.40 1.64
N HIS A 18 22.79 -9.16 1.88
CA HIS A 18 23.67 -8.78 2.94
C HIS A 18 22.96 -8.93 4.33
N PHE A 19 23.39 -9.42 5.51
CA PHE A 19 22.59 -9.40 6.75
C PHE A 19 22.57 -8.05 7.44
N LYS A 20 21.38 -7.49 7.70
CA LYS A 20 21.26 -6.19 8.36
C LYS A 20 20.72 -6.26 9.81
N PRO A 21 21.25 -5.43 10.70
CA PRO A 21 20.48 -4.77 11.73
C PRO A 21 19.32 -3.92 11.22
N ASP A 22 18.28 -3.60 11.95
CA ASP A 22 17.19 -2.85 11.37
C ASP A 22 16.29 -2.17 12.43
N ARG A 23 15.32 -1.30 12.11
CA ARG A 23 14.42 -0.73 13.13
C ARG A 23 13.56 -1.82 13.87
N THR A 24 12.77 -2.67 13.17
CA THR A 24 11.92 -3.73 13.75
C THR A 24 12.69 -4.95 14.30
N HIS A 25 14.01 -4.81 14.43
CA HIS A 25 14.96 -5.89 14.60
C HIS A 25 14.70 -7.25 15.29
N THR A 26 14.23 -7.95 14.24
CA THR A 26 14.08 -9.39 14.17
C THR A 26 15.38 -9.74 13.39
N GLY A 27 15.69 -8.91 12.38
CA GLY A 27 16.83 -9.05 11.49
C GLY A 27 16.37 -8.98 10.06
N THR A 28 17.24 -8.82 9.09
CA THR A 28 16.83 -8.69 7.73
C THR A 28 17.90 -9.02 6.67
N TYR A 29 17.65 -9.84 5.64
CA TYR A 29 18.56 -9.90 4.49
C TYR A 29 18.09 -8.75 3.62
N SER A 30 19.00 -7.83 3.30
CA SER A 30 18.67 -6.68 2.44
C SER A 30 19.51 -6.48 1.20
N ILE A 31 18.99 -6.01 0.09
CA ILE A 31 19.84 -5.56 -1.00
C ILE A 31 19.58 -4.07 -1.03
N PHE A 32 20.35 -3.28 -1.78
CA PHE A 32 20.13 -1.84 -1.93
C PHE A 32 19.98 -1.49 -3.41
N GLY A 33 18.97 -0.72 -3.88
CA GLY A 33 18.81 -0.42 -5.27
C GLY A 33 18.20 -1.56 -6.07
N HIS A 34 16.91 -1.68 -6.38
CA HIS A 34 16.48 -2.80 -7.21
C HIS A 34 15.31 -2.37 -8.10
N GLN A 35 15.30 -2.53 -9.44
CA GLN A 35 14.18 -2.12 -10.29
C GLN A 35 13.43 -3.34 -10.86
N MET A 36 12.10 -3.46 -10.89
CA MET A 36 11.38 -4.57 -11.55
C MET A 36 10.46 -3.96 -12.60
N ARG A 37 9.90 -4.70 -13.56
CA ARG A 37 9.17 -4.08 -14.65
C ARG A 37 7.97 -4.94 -14.95
N PHE A 38 6.72 -4.51 -15.10
CA PHE A 38 5.61 -5.44 -15.32
C PHE A 38 4.82 -4.92 -16.48
N ASP A 39 4.49 -5.72 -17.46
CA ASP A 39 3.86 -5.20 -18.62
C ASP A 39 2.44 -5.34 -18.23
N LEU A 40 1.60 -4.33 -18.14
CA LEU A 40 0.25 -4.54 -17.64
C LEU A 40 -0.69 -4.88 -18.72
N SER A 41 -0.20 -4.77 -19.94
CA SER A 41 -0.98 -5.21 -21.06
C SER A 41 -0.96 -6.75 -21.18
N LYS A 42 -0.13 -7.51 -20.43
CA LYS A 42 -0.17 -8.98 -20.50
C LYS A 42 -0.95 -9.53 -19.27
N GLY A 43 -1.63 -8.67 -18.47
CA GLY A 43 -2.38 -9.07 -17.28
C GLY A 43 -2.17 -8.22 -16.03
N PHE A 44 -3.13 -8.27 -15.10
CA PHE A 44 -3.05 -7.55 -13.85
C PHE A 44 -1.97 -8.21 -12.95
N PRO A 45 -0.95 -7.51 -12.42
CA PRO A 45 0.11 -8.07 -11.54
C PRO A 45 -0.04 -8.60 -10.12
N LEU A 46 -1.15 -9.21 -9.77
CA LEU A 46 -1.33 -9.76 -8.44
C LEU A 46 -0.83 -11.20 -8.44
N LEU A 47 -0.41 -11.72 -7.29
CA LEU A 47 0.35 -12.95 -7.31
C LEU A 47 -0.56 -14.17 -7.43
N THR A 48 -0.27 -15.00 -8.42
CA THR A 48 -0.91 -16.30 -8.45
C THR A 48 -0.13 -17.28 -7.52
N THR A 49 1.16 -17.15 -7.16
CA THR A 49 1.80 -18.08 -6.27
C THR A 49 1.40 -18.01 -4.81
N LYS A 50 0.34 -17.26 -4.44
CA LYS A 50 -0.29 -17.18 -3.12
C LYS A 50 -1.47 -16.20 -3.12
N LYS A 51 -2.51 -16.59 -2.43
CA LYS A 51 -3.79 -15.90 -2.28
C LYS A 51 -3.39 -14.62 -1.63
N VAL A 52 -3.50 -13.58 -2.47
CA VAL A 52 -3.41 -12.23 -1.99
C VAL A 52 -4.84 -11.66 -2.00
N PRO A 53 -5.42 -11.07 -0.97
CA PRO A 53 -6.72 -10.47 -1.05
C PRO A 53 -6.73 -9.15 -1.82
N PHE A 54 -7.26 -9.23 -3.04
CA PHE A 54 -7.41 -8.05 -3.84
C PHE A 54 -8.46 -7.13 -3.22
N GLY A 55 -9.29 -7.59 -2.30
CA GLY A 55 -10.31 -6.74 -1.75
C GLY A 55 -9.72 -5.72 -0.83
N LEU A 56 -8.55 -5.97 -0.21
CA LEU A 56 -8.00 -4.96 0.68
C LEU A 56 -7.20 -3.91 -0.04
N ILE A 57 -6.82 -4.30 -1.26
CA ILE A 57 -6.07 -3.51 -2.22
C ILE A 57 -6.94 -2.36 -2.70
N LYS A 58 -8.07 -2.75 -3.29
CA LYS A 58 -9.09 -1.83 -3.77
C LYS A 58 -9.48 -0.91 -2.64
N SER A 59 -10.09 -1.30 -1.50
CA SER A 59 -10.58 -0.37 -0.53
C SER A 59 -9.48 0.55 -0.03
N GLU A 60 -8.21 0.12 0.18
CA GLU A 60 -7.12 0.99 0.63
C GLU A 60 -6.83 2.01 -0.50
N LEU A 61 -6.84 1.59 -1.76
CA LEU A 61 -6.48 2.50 -2.82
C LEU A 61 -7.61 3.49 -2.98
N LEU A 62 -8.92 3.19 -2.87
CA LEU A 62 -9.95 4.19 -3.10
C LEU A 62 -10.05 5.12 -1.91
N TRP A 63 -9.61 4.75 -0.71
CA TRP A 63 -9.54 5.62 0.43
C TRP A 63 -8.60 6.74 0.01
N PHE A 64 -7.40 6.30 -0.35
CA PHE A 64 -6.38 7.23 -0.82
C PHE A 64 -6.93 8.18 -1.86
N LEU A 65 -7.57 7.58 -2.87
CA LEU A 65 -8.18 8.24 -4.00
C LEU A 65 -9.32 9.17 -3.64
N HIS A 66 -9.88 9.10 -2.47
CA HIS A 66 -10.92 10.05 -2.18
C HIS A 66 -10.31 11.14 -1.37
N GLY A 67 -9.07 10.92 -1.00
CA GLY A 67 -8.32 11.92 -0.27
C GLY A 67 -8.68 11.78 1.17
N ASP A 68 -9.02 10.55 1.52
CA ASP A 68 -9.46 10.36 2.86
C ASP A 68 -8.28 10.03 3.78
N THR A 69 -8.52 10.40 5.01
CA THR A 69 -7.62 10.19 6.12
C THR A 69 -8.31 9.52 7.27
N ASN A 70 -9.57 9.07 7.19
CA ASN A 70 -10.29 8.56 8.35
C ASN A 70 -10.38 7.06 8.33
N ILE A 71 -10.07 6.41 9.45
CA ILE A 71 -9.95 4.99 9.42
C ILE A 71 -11.33 4.41 9.23
N ARG A 72 -12.38 5.19 9.37
CA ARG A 72 -13.69 4.64 9.27
C ARG A 72 -13.98 4.17 7.89
N PHE A 73 -13.66 4.71 6.69
CA PHE A 73 -14.13 4.15 5.41
C PHE A 73 -13.67 2.70 5.27
N LEU A 74 -12.44 2.54 5.73
CA LEU A 74 -11.69 1.34 5.68
C LEU A 74 -12.42 0.37 6.54
N LEU A 75 -12.73 0.61 7.79
CA LEU A 75 -13.37 -0.40 8.64
C LEU A 75 -14.75 -0.76 8.14
N GLN A 76 -15.42 0.31 7.76
CA GLN A 76 -16.73 0.25 7.20
C GLN A 76 -16.56 -0.56 5.90
N HIS A 77 -15.35 -0.73 5.30
CA HIS A 77 -15.12 -1.64 4.16
C HIS A 77 -14.46 -2.95 4.52
N ARG A 78 -14.54 -3.37 5.80
CA ARG A 78 -13.97 -4.57 6.39
C ARG A 78 -12.46 -4.52 6.24
N ASN A 79 -11.89 -3.35 6.31
CA ASN A 79 -10.47 -3.26 6.03
C ASN A 79 -9.71 -2.64 7.17
N HIS A 80 -8.89 -3.45 7.83
CA HIS A 80 -8.14 -3.15 9.05
C HIS A 80 -6.66 -2.88 9.02
N ILE A 81 -5.99 -2.88 7.86
CA ILE A 81 -4.56 -2.62 7.68
C ILE A 81 -4.02 -1.43 8.52
N TRP A 82 -4.76 -0.34 8.78
CA TRP A 82 -4.22 0.87 9.39
C TRP A 82 -4.65 1.13 10.78
N ASP A 83 -5.37 0.21 11.36
CA ASP A 83 -5.88 0.39 12.68
C ASP A 83 -4.81 0.75 13.67
N GLU A 84 -3.62 0.12 13.72
CA GLU A 84 -2.68 0.27 14.85
C GLU A 84 -2.11 1.68 14.96
N TRP A 85 -2.21 2.56 13.97
CA TRP A 85 -1.68 3.91 14.08
C TRP A 85 -2.64 4.79 14.80
N ALA A 86 -3.91 4.70 14.41
CA ALA A 86 -4.95 5.47 15.06
C ALA A 86 -5.16 4.86 16.42
N PHE A 87 -5.18 3.54 16.60
CA PHE A 87 -5.25 2.98 17.92
C PHE A 87 -4.02 3.32 18.75
N GLU A 88 -2.81 3.35 18.16
CA GLU A 88 -1.57 3.75 18.82
C GLU A 88 -1.92 5.11 19.41
N LYS A 89 -2.46 6.08 18.62
CA LYS A 89 -2.82 7.40 19.16
C LYS A 89 -4.25 7.54 19.71
N TRP A 90 -4.85 6.46 20.21
CA TRP A 90 -6.06 6.54 21.02
C TRP A 90 -5.59 6.29 22.47
N VAL A 91 -4.61 5.37 22.58
CA VAL A 91 -3.81 5.02 23.80
C VAL A 91 -2.94 6.26 24.27
N LYS A 92 -2.94 7.28 23.40
CA LYS A 92 -2.55 8.67 23.55
C LYS A 92 -2.52 9.28 24.94
N SER A 93 -3.63 9.76 25.51
CA SER A 93 -3.45 10.55 26.71
C SER A 93 -4.63 10.56 27.68
N ASP A 94 -5.56 11.35 27.21
CA ASP A 94 -6.80 11.62 27.91
C ASP A 94 -7.76 10.55 27.33
N GLU A 95 -9.02 10.53 27.81
CA GLU A 95 -10.05 9.58 27.41
C GLU A 95 -9.62 8.20 27.86
N TYR A 96 -8.62 7.63 27.18
CA TYR A 96 -8.15 6.28 27.44
C TYR A 96 -7.70 6.13 28.88
N HIS A 97 -8.42 5.17 29.44
CA HIS A 97 -8.10 4.60 30.74
C HIS A 97 -8.53 3.17 30.50
N GLY A 98 -7.71 2.23 30.96
CA GLY A 98 -8.06 0.80 30.99
C GLY A 98 -8.16 -0.03 29.70
N PRO A 99 -7.72 -1.32 29.65
CA PRO A 99 -6.49 -1.93 30.23
C PRO A 99 -5.17 -1.15 30.03
N ASP A 100 -4.04 -1.74 29.49
CA ASP A 100 -2.82 -0.95 29.22
C ASP A 100 -1.61 -1.35 28.30
N MET A 101 -1.84 -1.04 26.99
CA MET A 101 -1.07 -1.31 25.76
C MET A 101 0.28 -0.65 25.59
N THR A 102 1.01 -0.33 26.67
CA THR A 102 2.36 0.36 26.75
C THR A 102 3.58 -0.21 25.92
N ASP A 103 3.19 -0.21 24.64
CA ASP A 103 3.77 -0.71 23.41
C ASP A 103 3.88 -2.23 23.25
N PHE A 104 2.60 -2.33 22.83
CA PHE A 104 1.76 -3.41 22.33
C PHE A 104 1.99 -4.34 21.13
N GLY A 105 2.44 -3.93 19.94
CA GLY A 105 2.40 -4.77 18.74
C GLY A 105 3.32 -5.96 18.86
N HIS A 106 4.53 -5.47 19.23
CA HIS A 106 5.73 -6.28 19.47
C HIS A 106 5.51 -7.16 20.69
N ARG A 107 4.70 -6.73 21.66
CA ARG A 107 4.41 -7.47 22.87
C ARG A 107 3.47 -8.60 22.55
N SER A 108 2.30 -8.45 21.91
CA SER A 108 1.59 -9.64 21.48
C SER A 108 2.28 -10.23 20.23
N GLN A 109 3.55 -9.88 19.96
CA GLN A 109 4.40 -10.61 19.02
C GLN A 109 5.50 -11.43 19.76
N LYS A 110 5.75 -11.07 21.04
CA LYS A 110 6.49 -11.89 22.01
C LYS A 110 5.28 -12.24 22.93
N ASP A 111 4.19 -12.75 22.29
CA ASP A 111 2.83 -12.98 22.81
C ASP A 111 2.45 -13.33 24.26
N PRO A 112 1.45 -12.71 24.87
CA PRO A 112 0.80 -13.33 26.00
C PRO A 112 -0.48 -13.98 25.53
N GLU A 113 -0.94 -14.63 26.59
CA GLU A 113 -2.26 -15.20 26.61
C GLU A 113 -3.27 -13.98 26.62
N PHE A 114 -2.75 -12.69 26.83
CA PHE A 114 -3.39 -11.32 26.81
C PHE A 114 -3.95 -10.72 25.52
N ALA A 115 -3.47 -11.29 24.38
CA ALA A 115 -3.85 -10.94 23.02
C ALA A 115 -5.34 -10.64 22.94
N ALA A 116 -6.22 -11.38 23.66
CA ALA A 116 -7.66 -11.12 23.68
C ALA A 116 -8.04 -9.80 24.31
N VAL A 117 -7.31 -9.33 25.32
CA VAL A 117 -7.53 -8.00 25.79
C VAL A 117 -7.25 -7.09 24.62
N TYR A 118 -6.06 -7.19 24.01
CA TYR A 118 -5.63 -6.32 22.93
C TYR A 118 -6.76 -6.32 21.91
N HIS A 119 -7.38 -7.44 21.60
CA HIS A 119 -8.32 -7.45 20.50
C HIS A 119 -9.73 -7.26 20.96
N GLU A 120 -10.08 -7.44 22.23
CA GLU A 120 -11.42 -7.11 22.64
C GLU A 120 -11.36 -5.60 22.87
N GLU A 121 -10.20 -4.95 23.08
CA GLU A 121 -10.05 -3.52 23.26
C GLU A 121 -10.01 -2.81 21.88
N MET A 122 -9.47 -3.51 20.85
CA MET A 122 -9.44 -3.07 19.45
C MET A 122 -10.87 -3.17 18.96
N ALA A 123 -11.61 -4.24 19.19
CA ALA A 123 -12.98 -4.27 18.71
C ALA A 123 -13.81 -3.15 19.43
N LYS A 124 -13.48 -2.70 20.66
CA LYS A 124 -14.13 -1.54 21.31
C LYS A 124 -13.80 -0.32 20.42
N PHE A 125 -12.50 -0.08 20.16
CA PHE A 125 -12.07 1.01 19.32
C PHE A 125 -12.59 0.97 17.87
N ASP A 126 -12.84 -0.13 17.21
CA ASP A 126 -13.27 -0.05 15.84
C ASP A 126 -14.72 0.21 15.77
N ASP A 127 -15.39 -0.04 16.88
CA ASP A 127 -16.79 0.18 16.96
C ASP A 127 -17.08 1.66 17.19
N ARG A 128 -16.31 2.21 18.10
CA ARG A 128 -16.45 3.63 18.37
C ARG A 128 -16.11 4.46 17.13
N VAL A 129 -14.99 4.34 16.39
CA VAL A 129 -14.78 5.21 15.22
C VAL A 129 -15.79 4.89 14.15
N LEU A 130 -16.64 3.87 14.18
CA LEU A 130 -17.73 3.90 13.21
C LEU A 130 -19.11 4.04 13.77
N HIS A 131 -19.27 4.28 15.09
CA HIS A 131 -20.57 4.71 15.63
C HIS A 131 -20.50 6.14 16.07
N ASP A 132 -19.42 6.50 16.73
CA ASP A 132 -19.24 7.84 17.14
C ASP A 132 -18.45 8.66 16.14
N ASP A 133 -19.12 9.73 15.68
CA ASP A 133 -18.58 10.73 14.76
C ASP A 133 -17.51 11.54 15.42
N ALA A 134 -17.75 11.90 16.67
CA ALA A 134 -16.80 12.66 17.45
C ALA A 134 -15.53 11.88 17.62
N PHE A 135 -15.70 10.60 17.90
CA PHE A 135 -14.59 9.70 18.18
C PHE A 135 -13.71 9.60 16.94
N ALA A 136 -14.44 9.24 15.93
CA ALA A 136 -13.86 8.92 14.67
C ALA A 136 -13.11 10.15 14.26
N ALA A 137 -13.69 11.36 14.40
CA ALA A 137 -13.09 12.63 13.96
C ALA A 137 -11.74 12.92 14.58
N LYS A 138 -11.56 12.63 15.87
CA LYS A 138 -10.29 12.87 16.54
C LYS A 138 -9.40 11.63 16.66
N TYR A 139 -9.93 10.41 16.62
CA TYR A 139 -9.08 9.24 16.83
C TYR A 139 -9.03 8.40 15.59
N GLY A 140 -9.64 8.82 14.51
CA GLY A 140 -9.59 8.03 13.33
C GLY A 140 -8.89 8.83 12.28
N ASP A 141 -8.75 10.14 12.38
CA ASP A 141 -8.11 10.89 11.32
C ASP A 141 -6.61 10.79 11.50
N LEU A 142 -5.98 9.94 10.68
CA LEU A 142 -4.57 9.63 10.87
C LEU A 142 -3.69 10.85 10.64
N GLY A 143 -4.23 11.75 9.88
CA GLY A 143 -3.48 12.95 9.64
C GLY A 143 -2.88 12.81 8.30
N LEU A 144 -1.57 12.79 8.43
CA LEU A 144 -0.81 12.69 7.23
C LEU A 144 -0.75 11.21 6.99
N VAL A 145 -1.39 10.80 5.95
CA VAL A 145 -1.30 9.44 5.52
C VAL A 145 -1.33 9.64 3.99
N TYR A 146 -1.35 8.64 3.13
CA TYR A 146 -1.26 8.88 1.71
C TYR A 146 -2.38 9.66 1.06
N GLY A 147 -3.62 9.57 1.52
CA GLY A 147 -4.70 10.33 0.92
C GLY A 147 -4.47 11.84 1.09
N SER A 148 -3.92 12.31 2.19
CA SER A 148 -3.68 13.72 2.30
C SER A 148 -2.33 14.07 1.75
N GLN A 149 -1.51 13.17 1.21
CA GLN A 149 -0.28 13.62 0.59
C GLN A 149 -0.68 13.83 -0.87
N TRP A 150 -1.20 12.81 -1.53
CA TRP A 150 -1.51 12.85 -2.95
C TRP A 150 -2.38 14.02 -3.35
N ARG A 151 -3.46 14.10 -2.56
CA ARG A 151 -4.61 15.00 -2.74
C ARG A 151 -4.77 16.27 -1.88
N ALA A 152 -3.95 16.53 -0.89
CA ALA A 152 -4.05 17.76 -0.17
C ALA A 152 -2.75 18.09 0.51
N TRP A 153 -1.73 18.45 -0.29
CA TRP A 153 -0.48 18.83 0.33
C TRP A 153 -0.54 20.21 0.97
N HIS A 154 -0.18 20.37 2.23
CA HIS A 154 -0.20 21.66 2.84
C HIS A 154 0.98 22.51 2.44
N THR A 155 0.61 23.72 2.06
CA THR A 155 1.55 24.74 1.66
C THR A 155 2.03 25.67 2.77
N SER A 156 3.21 26.29 2.61
CA SER A 156 3.71 27.27 3.56
C SER A 156 2.76 28.47 3.66
N LYS A 157 1.91 28.93 2.74
CA LYS A 157 1.02 30.03 3.05
C LYS A 157 -0.46 29.66 2.94
N GLY A 158 -0.81 28.75 3.85
CA GLY A 158 -2.21 28.29 4.06
C GLY A 158 -2.88 27.18 3.19
N ASP A 159 -2.65 27.08 1.87
CA ASP A 159 -3.42 26.16 1.06
C ASP A 159 -3.07 24.68 0.98
N THR A 160 -3.86 24.03 0.16
CA THR A 160 -3.70 22.67 -0.16
C THR A 160 -3.69 22.49 -1.64
N ILE A 161 -2.78 21.59 -1.87
CA ILE A 161 -2.38 21.16 -3.19
C ILE A 161 -3.05 19.81 -3.49
N ASP A 162 -3.99 19.66 -4.40
CA ASP A 162 -4.38 18.32 -4.79
C ASP A 162 -3.30 17.88 -5.77
N GLN A 163 -2.09 17.36 -5.51
CA GLN A 163 -1.18 17.16 -6.61
C GLN A 163 -1.58 16.07 -7.59
N LEU A 164 -2.43 15.10 -7.14
CA LEU A 164 -2.83 13.99 -8.01
C LEU A 164 -3.72 14.56 -9.06
N GLY A 165 -4.69 15.37 -8.66
CA GLY A 165 -5.69 15.90 -9.55
C GLY A 165 -5.06 16.83 -10.57
N ASP A 166 -4.02 17.53 -10.18
CA ASP A 166 -3.30 18.39 -11.10
C ASP A 166 -2.42 17.63 -12.07
N VAL A 167 -1.90 16.44 -11.75
CA VAL A 167 -1.09 15.67 -12.68
C VAL A 167 -2.01 15.00 -13.71
N ILE A 168 -3.18 14.59 -13.27
CA ILE A 168 -4.17 14.00 -14.12
C ILE A 168 -4.56 15.13 -15.05
N GLU A 169 -4.57 16.46 -14.70
CA GLU A 169 -4.85 17.57 -15.63
C GLU A 169 -3.65 17.44 -16.53
N GLN A 170 -2.42 17.56 -16.04
CA GLN A 170 -1.23 17.47 -16.82
C GLN A 170 -1.14 16.33 -17.77
N ILE A 171 -1.61 15.09 -17.60
CA ILE A 171 -1.57 14.08 -18.63
C ILE A 171 -2.60 14.37 -19.71
N LYS A 172 -3.75 14.89 -19.33
CA LYS A 172 -4.76 15.27 -20.29
C LYS A 172 -4.26 16.52 -21.00
N THR A 173 -3.58 17.49 -20.36
CA THR A 173 -3.26 18.74 -21.00
C THR A 173 -2.04 18.47 -21.86
N HIS A 174 -1.02 17.79 -21.30
CA HIS A 174 0.28 17.56 -21.93
C HIS A 174 0.89 16.17 -21.61
N PRO A 175 0.51 15.16 -22.39
CA PRO A 175 0.94 13.82 -22.28
C PRO A 175 2.41 13.74 -22.05
N TYR A 176 3.14 14.45 -22.91
CA TYR A 176 4.58 14.32 -23.05
C TYR A 176 5.48 15.10 -22.10
N SER A 177 5.07 15.37 -20.86
CA SER A 177 5.91 16.10 -19.93
C SER A 177 6.74 15.19 -19.07
N ARG A 178 7.88 15.74 -18.66
CA ARG A 178 8.80 14.98 -17.83
C ARG A 178 8.75 15.43 -16.38
N ARG A 179 7.71 16.16 -16.02
CA ARG A 179 7.58 16.73 -14.70
C ARG A 179 6.39 16.08 -13.98
N LEU A 180 5.76 15.08 -14.58
CA LEU A 180 4.58 14.40 -14.08
C LEU A 180 4.82 13.59 -12.76
N ILE A 181 5.17 14.16 -11.63
CA ILE A 181 5.53 13.41 -10.45
C ILE A 181 4.53 13.58 -9.32
N VAL A 182 4.23 12.62 -8.43
CA VAL A 182 3.46 12.91 -7.23
C VAL A 182 4.47 12.47 -6.19
N SER A 183 4.74 13.21 -5.11
CA SER A 183 5.67 12.86 -4.02
C SER A 183 4.94 12.81 -2.67
N ALA A 184 5.10 11.78 -1.83
CA ALA A 184 4.59 11.80 -0.45
C ALA A 184 5.73 12.19 0.51
N TRP A 185 6.93 12.49 -0.04
CA TRP A 185 8.03 12.86 0.81
C TRP A 185 8.00 14.30 1.21
N ASN A 186 7.55 14.61 2.45
CA ASN A 186 7.49 15.97 2.88
C ASN A 186 8.47 16.26 3.95
N PRO A 187 9.51 17.04 3.67
CA PRO A 187 10.61 17.25 4.59
C PRO A 187 10.28 17.61 6.03
N GLU A 188 9.57 18.66 6.35
CA GLU A 188 9.34 19.03 7.71
C GLU A 188 8.63 18.00 8.62
N ASP A 189 7.60 17.36 8.02
CA ASP A 189 6.77 16.34 8.64
C ASP A 189 7.62 15.09 8.87
N VAL A 190 8.64 14.68 8.10
CA VAL A 190 9.30 13.37 8.33
C VAL A 190 10.05 13.06 9.64
N PRO A 191 10.60 13.97 10.48
CA PRO A 191 11.20 13.55 11.73
C PRO A 191 10.17 13.46 12.89
N THR A 192 8.93 13.90 12.57
CA THR A 192 7.89 13.77 13.54
C THR A 192 7.39 12.39 13.21
N MET A 193 6.87 12.20 11.99
CA MET A 193 6.25 10.94 11.60
C MET A 193 6.67 9.56 12.11
N ALA A 194 5.45 9.07 12.22
CA ALA A 194 5.09 7.76 12.70
C ALA A 194 5.75 6.82 11.73
N LEU A 195 5.14 6.63 10.56
CA LEU A 195 5.81 5.96 9.45
C LEU A 195 6.04 7.17 8.53
N PRO A 196 7.23 7.66 8.22
CA PRO A 196 7.57 8.36 6.99
C PRO A 196 7.27 7.52 5.74
N PRO A 197 6.63 7.96 4.64
CA PRO A 197 6.09 7.14 3.58
C PRO A 197 7.20 6.26 3.10
N CYS A 198 6.81 4.98 3.06
CA CYS A 198 7.54 3.96 2.37
C CYS A 198 7.35 4.25 0.91
N HIS A 199 6.23 4.70 0.30
CA HIS A 199 6.21 4.86 -1.16
C HIS A 199 6.36 6.29 -1.57
N THR A 200 7.58 6.70 -1.38
CA THR A 200 8.05 8.06 -1.60
C THR A 200 7.54 8.94 -2.74
N LEU A 201 7.62 8.38 -3.94
CA LEU A 201 7.59 9.18 -5.15
C LEU A 201 6.98 8.46 -6.32
N TYR A 202 6.23 9.01 -7.24
CA TYR A 202 5.95 8.28 -8.45
C TYR A 202 5.90 9.20 -9.63
N GLN A 203 6.22 8.64 -10.77
CA GLN A 203 6.20 9.40 -11.99
C GLN A 203 5.42 8.65 -13.07
N PHE A 204 4.42 9.26 -13.70
CA PHE A 204 3.67 8.63 -14.80
C PHE A 204 4.46 8.92 -16.05
N TYR A 205 4.25 8.27 -17.18
CA TYR A 205 4.94 8.65 -18.41
C TYR A 205 4.12 8.21 -19.60
N VAL A 206 3.95 9.01 -20.65
CA VAL A 206 3.25 8.58 -21.84
C VAL A 206 4.20 8.36 -23.01
N ASN A 207 3.87 7.40 -23.81
CA ASN A 207 4.63 7.18 -25.01
C ASN A 207 3.65 6.44 -25.86
N ASP A 208 3.46 6.97 -27.06
CA ASP A 208 2.75 6.24 -28.12
C ASP A 208 1.32 5.86 -27.73
N GLY A 209 0.76 6.64 -26.80
CA GLY A 209 -0.60 6.46 -26.35
C GLY A 209 -0.78 5.47 -25.21
N LYS A 210 0.21 4.98 -24.48
CA LYS A 210 -0.03 4.05 -23.39
C LYS A 210 0.71 4.57 -22.18
N LEU A 211 0.18 4.63 -20.95
CA LEU A 211 1.04 5.10 -19.88
C LEU A 211 1.66 4.07 -18.97
N SER A 212 2.88 4.40 -18.61
CA SER A 212 3.67 3.66 -17.66
C SER A 212 3.67 4.42 -16.32
N LEU A 213 4.05 3.79 -15.24
CA LEU A 213 4.20 4.51 -14.01
C LEU A 213 5.43 4.03 -13.31
N GLN A 214 6.25 4.83 -12.71
CA GLN A 214 7.43 4.29 -12.07
C GLN A 214 7.37 4.57 -10.58
N LEU A 215 7.77 3.72 -9.62
CA LEU A 215 7.57 3.95 -8.18
C LEU A 215 8.86 3.91 -7.42
N TYR A 216 9.13 4.86 -6.54
CA TYR A 216 10.33 4.73 -5.77
C TYR A 216 9.91 4.29 -4.37
N GLN A 217 10.23 3.14 -3.79
CA GLN A 217 9.78 2.73 -2.45
C GLN A 217 11.05 2.67 -1.63
N ARG A 218 11.23 3.51 -0.63
CA ARG A 218 12.48 3.54 0.11
C ARG A 218 12.84 2.31 0.93
N SER A 219 11.88 1.65 1.55
CA SER A 219 12.09 0.44 2.29
C SER A 219 11.08 -0.56 1.72
N ALA A 220 11.22 -1.89 1.66
CA ALA A 220 10.16 -2.74 1.17
C ALA A 220 10.10 -3.97 2.03
N ASP A 221 8.95 -4.57 2.33
CA ASP A 221 8.96 -5.86 3.02
C ASP A 221 8.92 -6.94 1.96
N ILE A 222 9.93 -7.54 1.41
CA ILE A 222 9.76 -8.53 0.33
C ILE A 222 8.60 -9.56 0.34
N PHE A 223 8.30 -10.23 1.45
CA PHE A 223 7.32 -11.31 1.52
C PHE A 223 5.91 -10.82 1.79
N LEU A 224 5.69 -10.15 2.92
CA LEU A 224 4.39 -9.68 3.37
C LEU A 224 3.95 -8.36 2.71
N GLY A 225 4.91 -7.47 2.40
CA GLY A 225 4.62 -6.12 2.00
C GLY A 225 4.71 -5.89 0.52
N VAL A 226 5.74 -6.37 -0.18
CA VAL A 226 5.81 -6.09 -1.60
C VAL A 226 4.66 -6.66 -2.43
N PRO A 227 4.09 -7.84 -2.31
CA PRO A 227 3.06 -8.34 -3.19
C PRO A 227 1.88 -7.44 -3.27
N PHE A 228 1.51 -6.89 -2.15
CA PHE A 228 0.40 -5.98 -2.05
C PHE A 228 0.80 -4.71 -2.77
N ASN A 229 2.00 -4.14 -2.48
CA ASN A 229 2.45 -2.88 -3.04
C ASN A 229 2.46 -2.84 -4.53
N ILE A 230 2.68 -4.02 -5.14
CA ILE A 230 2.75 -4.25 -6.57
C ILE A 230 1.39 -4.06 -7.18
N ALA A 231 0.35 -4.54 -6.49
CA ALA A 231 -1.01 -4.39 -7.00
C ALA A 231 -1.64 -3.06 -6.72
N SER A 232 -1.30 -2.28 -5.69
CA SER A 232 -1.90 -0.96 -5.49
C SER A 232 -1.53 -0.01 -6.61
N TYR A 233 -0.24 0.15 -6.91
CA TYR A 233 0.16 1.11 -7.92
C TYR A 233 -0.07 0.60 -9.35
N ALA A 234 -0.32 -0.66 -9.56
CA ALA A 234 -0.64 -1.13 -10.89
C ALA A 234 -2.15 -1.07 -11.14
N LEU A 235 -2.96 -0.97 -10.10
CA LEU A 235 -4.38 -0.79 -10.21
C LEU A 235 -4.39 0.71 -10.44
N LEU A 236 -3.76 1.59 -9.62
CA LEU A 236 -3.70 3.03 -9.86
C LEU A 236 -3.29 3.25 -11.31
N THR A 237 -2.24 2.62 -11.90
CA THR A 237 -1.84 2.84 -13.28
C THR A 237 -3.02 2.42 -14.14
N HIS A 238 -3.85 1.35 -14.01
CA HIS A 238 -5.00 1.10 -14.95
C HIS A 238 -6.10 2.13 -14.70
N LEU A 239 -6.28 2.65 -13.48
CA LEU A 239 -7.30 3.60 -13.16
C LEU A 239 -6.94 4.85 -13.88
N VAL A 240 -5.79 5.49 -13.65
CA VAL A 240 -5.44 6.73 -14.31
C VAL A 240 -5.44 6.50 -15.80
N ALA A 241 -4.90 5.40 -16.33
CA ALA A 241 -4.96 5.10 -17.75
C ALA A 241 -6.39 5.14 -18.23
N HIS A 242 -7.37 4.65 -17.41
CA HIS A 242 -8.79 4.67 -17.74
C HIS A 242 -9.18 6.11 -17.77
N GLU A 243 -8.93 6.98 -16.77
CA GLU A 243 -9.48 8.29 -16.85
C GLU A 243 -8.90 9.08 -18.00
N CYS A 244 -7.61 9.16 -18.29
CA CYS A 244 -7.22 9.97 -19.45
C CYS A 244 -7.51 9.36 -20.83
N GLY A 245 -8.18 8.19 -20.93
CA GLY A 245 -8.53 7.57 -22.21
C GLY A 245 -7.31 7.10 -22.96
N LEU A 246 -6.52 6.43 -22.16
CA LEU A 246 -5.20 6.09 -22.56
C LEU A 246 -5.06 4.57 -22.34
N GLU A 247 -4.12 3.92 -23.03
CA GLU A 247 -3.88 2.49 -22.82
C GLU A 247 -2.87 2.43 -21.71
N VAL A 248 -2.52 1.19 -21.40
CA VAL A 248 -1.70 0.75 -20.32
C VAL A 248 -0.51 0.02 -20.94
N GLY A 249 0.53 0.55 -20.32
CA GLY A 249 1.90 0.20 -20.60
C GLY A 249 2.49 -0.60 -19.48
N GLU A 250 3.49 -0.09 -18.80
CA GLU A 250 4.13 -0.92 -17.79
C GLU A 250 4.13 -0.30 -16.42
N PHE A 251 4.15 -1.12 -15.39
CA PHE A 251 4.41 -0.65 -14.05
C PHE A 251 5.88 -1.02 -13.76
N ILE A 252 6.66 -0.04 -13.35
CA ILE A 252 8.07 -0.14 -13.05
C ILE A 252 8.20 0.08 -11.57
N HIS A 253 8.83 -0.84 -10.90
CA HIS A 253 8.89 -0.75 -9.51
C HIS A 253 10.32 -0.59 -9.13
N THR A 254 10.78 0.61 -8.72
CA THR A 254 12.16 0.86 -8.30
C THR A 254 12.09 0.81 -6.82
N PHE A 255 13.15 0.26 -6.21
CA PHE A 255 13.22 0.04 -4.76
C PHE A 255 14.54 0.62 -4.34
N GLY A 256 14.60 0.84 -3.03
CA GLY A 256 15.76 1.33 -2.34
C GLY A 256 16.15 0.21 -1.41
N ASP A 257 15.90 0.16 -0.09
CA ASP A 257 16.26 -1.02 0.69
C ASP A 257 15.24 -2.13 0.43
N ALA A 258 15.41 -3.11 -0.47
CA ALA A 258 14.43 -4.21 -0.53
C ALA A 258 14.88 -5.23 0.57
N HIS A 259 14.12 -5.73 1.56
CA HIS A 259 14.57 -6.62 2.63
C HIS A 259 13.66 -7.78 3.02
N LEU A 260 14.25 -8.95 3.24
CA LEU A 260 13.54 -10.14 3.69
C LEU A 260 13.72 -10.28 5.18
N TYR A 261 12.69 -10.23 6.02
CA TYR A 261 12.94 -10.48 7.44
C TYR A 261 13.30 -11.96 7.44
N VAL A 262 14.10 -12.33 8.38
CA VAL A 262 14.60 -13.67 8.40
C VAL A 262 13.57 -14.64 8.94
N ASN A 263 12.58 -14.23 9.71
CA ASN A 263 11.58 -15.21 10.15
C ASN A 263 10.59 -15.52 9.02
N HIS A 264 10.71 -14.90 7.82
CA HIS A 264 9.86 -15.20 6.67
C HIS A 264 10.57 -16.11 5.65
N LEU A 265 11.85 -16.35 5.98
CA LEU A 265 12.80 -17.11 5.19
C LEU A 265 12.25 -18.45 4.78
N ASP A 266 11.68 -19.16 5.75
CA ASP A 266 11.16 -20.45 5.40
C ASP A 266 9.93 -20.38 4.56
N GLN A 267 9.17 -19.30 4.70
CA GLN A 267 7.95 -19.15 3.93
C GLN A 267 8.33 -18.69 2.54
N ILE A 268 9.27 -17.75 2.38
CA ILE A 268 9.58 -17.25 1.07
C ILE A 268 10.04 -18.49 0.30
N LYS A 269 10.83 -19.44 0.84
CA LYS A 269 11.29 -20.56 0.03
C LYS A 269 10.09 -21.37 -0.45
N GLU A 270 9.04 -21.60 0.36
CA GLU A 270 7.91 -22.41 0.00
C GLU A 270 7.28 -21.93 -1.26
N GLN A 271 7.04 -20.62 -1.35
CA GLN A 271 6.29 -20.14 -2.48
C GLN A 271 7.21 -20.13 -3.66
N LEU A 272 8.51 -20.08 -3.43
CA LEU A 272 9.46 -20.18 -4.50
C LEU A 272 9.49 -21.62 -5.04
N SER A 273 8.91 -22.67 -4.44
CA SER A 273 8.81 -23.99 -5.09
C SER A 273 7.48 -24.18 -5.77
N ARG A 274 6.70 -23.12 -5.77
CA ARG A 274 5.46 -23.08 -6.52
C ARG A 274 5.70 -22.62 -7.97
N THR A 275 4.83 -23.03 -8.87
CA THR A 275 4.83 -22.66 -10.28
C THR A 275 3.77 -21.62 -10.64
N PRO A 276 4.04 -20.37 -11.06
CA PRO A 276 3.05 -19.37 -11.40
C PRO A 276 2.07 -19.94 -12.42
N ARG A 277 0.82 -19.51 -12.23
CA ARG A 277 -0.29 -19.85 -13.11
C ARG A 277 -0.61 -18.61 -13.95
N PRO A 278 -1.53 -18.54 -14.89
CA PRO A 278 -1.75 -17.40 -15.74
C PRO A 278 -2.21 -16.18 -14.97
N ALA A 279 -2.02 -14.99 -15.50
CA ALA A 279 -2.35 -13.81 -14.73
C ALA A 279 -3.84 -13.53 -14.55
N PRO A 280 -4.31 -12.87 -13.49
CA PRO A 280 -5.67 -12.33 -13.40
C PRO A 280 -5.98 -11.17 -14.34
N THR A 281 -7.17 -10.87 -14.81
CA THR A 281 -7.34 -9.61 -15.56
C THR A 281 -8.19 -8.51 -14.93
N LEU A 282 -8.14 -7.23 -15.28
CA LEU A 282 -8.90 -6.25 -14.55
C LEU A 282 -9.98 -5.70 -15.44
N GLN A 283 -11.20 -5.55 -14.89
CA GLN A 283 -12.35 -4.93 -15.57
C GLN A 283 -12.76 -3.69 -14.79
N LEU A 284 -12.85 -2.53 -15.41
CA LEU A 284 -13.30 -1.31 -14.75
C LEU A 284 -14.65 -0.91 -15.31
N ASN A 285 -15.45 -0.15 -14.57
CA ASN A 285 -16.74 0.29 -15.05
C ASN A 285 -16.49 1.16 -16.29
N PRO A 286 -17.14 0.92 -17.41
CA PRO A 286 -16.83 1.58 -18.66
C PRO A 286 -17.68 2.81 -18.87
N ASP A 287 -18.50 3.17 -17.87
CA ASP A 287 -19.38 4.33 -17.99
C ASP A 287 -18.74 5.44 -17.20
N LYS A 288 -18.53 5.05 -15.94
CA LYS A 288 -17.95 5.88 -14.91
C LYS A 288 -16.46 6.08 -15.26
N HIS A 289 -16.11 7.33 -15.50
CA HIS A 289 -14.71 7.65 -15.78
C HIS A 289 -14.03 8.56 -14.76
N ASP A 290 -14.72 9.13 -13.78
CA ASP A 290 -14.04 9.93 -12.78
C ASP A 290 -13.75 8.92 -11.73
N ILE A 291 -12.49 8.55 -11.74
CA ILE A 291 -12.03 7.53 -10.82
C ILE A 291 -12.06 7.99 -9.37
N PHE A 292 -12.12 9.33 -9.19
CA PHE A 292 -12.11 9.83 -7.82
C PHE A 292 -13.52 9.53 -7.25
N ASP A 293 -14.51 9.33 -8.13
CA ASP A 293 -15.84 9.06 -7.65
C ASP A 293 -16.11 7.59 -7.92
N PHE A 294 -15.06 6.76 -7.79
CA PHE A 294 -15.23 5.31 -7.90
C PHE A 294 -15.40 4.71 -6.53
N ASP A 295 -16.21 3.69 -6.59
CA ASP A 295 -16.35 2.82 -5.46
C ASP A 295 -15.99 1.41 -5.91
N MET A 296 -15.81 0.64 -4.86
CA MET A 296 -15.52 -0.76 -4.83
C MET A 296 -15.81 -1.55 -6.08
N LYS A 297 -17.09 -1.75 -6.33
CA LYS A 297 -17.65 -2.58 -7.41
C LYS A 297 -17.45 -2.18 -8.88
N ASP A 298 -16.79 -1.07 -9.05
CA ASP A 298 -16.43 -0.57 -10.35
C ASP A 298 -15.13 -1.25 -10.83
N ILE A 299 -14.29 -1.59 -9.85
CA ILE A 299 -13.03 -2.25 -10.10
C ILE A 299 -13.38 -3.71 -10.00
N LYS A 300 -12.94 -4.52 -10.93
CA LYS A 300 -13.23 -5.91 -10.85
C LYS A 300 -12.03 -6.71 -11.30
N LEU A 301 -11.87 -7.92 -10.81
CA LEU A 301 -10.77 -8.80 -11.21
C LEU A 301 -11.40 -10.06 -11.84
N LEU A 302 -10.92 -10.48 -12.99
CA LEU A 302 -11.51 -11.63 -13.60
C LEU A 302 -10.40 -12.61 -13.47
N ASN A 303 -10.94 -13.80 -13.34
CA ASN A 303 -10.29 -15.05 -13.13
C ASN A 303 -8.92 -15.22 -12.50
N TYR A 304 -8.97 -14.85 -11.22
CA TYR A 304 -7.83 -14.96 -10.35
C TYR A 304 -7.95 -16.28 -9.63
N ASP A 305 -7.06 -17.21 -10.00
CA ASP A 305 -6.99 -18.49 -9.34
C ASP A 305 -5.62 -18.88 -8.75
N PRO A 306 -5.45 -18.48 -7.50
CA PRO A 306 -4.24 -18.66 -6.75
C PRO A 306 -3.98 -19.99 -6.20
N TYR A 307 -2.73 -20.03 -5.79
CA TYR A 307 -2.29 -21.10 -4.91
C TYR A 307 -2.79 -20.68 -3.51
N PRO A 308 -2.68 -21.50 -2.46
CA PRO A 308 -3.17 -21.20 -1.12
C PRO A 308 -2.27 -20.17 -0.54
N ALA A 309 -2.79 -19.55 0.47
CA ALA A 309 -2.10 -18.47 1.11
C ALA A 309 -1.12 -19.02 2.10
N ILE A 310 -0.04 -18.22 2.41
CA ILE A 310 1.14 -18.56 3.25
C ILE A 310 1.18 -17.61 4.45
N LYS A 311 0.34 -17.76 5.49
CA LYS A 311 0.31 -16.83 6.62
C LYS A 311 1.67 -16.94 7.34
N ALA A 312 2.24 -15.81 7.76
CA ALA A 312 3.56 -15.83 8.34
C ALA A 312 3.74 -14.56 9.11
N PRO A 313 4.43 -14.56 10.26
CA PRO A 313 4.18 -13.64 11.36
C PRO A 313 4.80 -12.27 11.09
N VAL A 314 4.01 -11.23 11.18
CA VAL A 314 4.53 -9.89 11.08
C VAL A 314 3.29 -9.03 10.96
N ALA A 315 3.25 -8.04 11.89
CA ALA A 315 2.28 -6.97 12.11
C ALA A 315 2.55 -6.37 13.54
N1 THF B . 1.05 -0.37 11.18
C2 THF B . 1.47 -1.37 11.96
NA2 THF B . 1.06 -1.26 13.37
N3 THF B . 2.10 -2.39 11.80
C4 THF B . 2.28 -2.71 10.50
O4 THF B . 2.72 -3.96 10.06
C4A THF B . 1.98 -1.74 9.55
N5 THF B . 2.72 -1.48 8.47
C6 THF B . 1.94 -1.05 7.26
C7 THF B . 1.07 0.10 7.65
N8 THF B . 1.19 0.36 8.96
C8A THF B . 1.22 -0.64 9.89
C9 THF B . 1.17 -2.20 6.67
N10 THF B . 1.83 -3.45 7.09
C11 THF B . 0.25 -7.31 6.68
C12 THF B . 1.61 -7.07 6.98
C13 THF B . 2.09 -5.82 7.37
C14 THF B . 1.21 -4.75 7.19
C15 THF B . -0.17 -4.94 6.99
C16 THF B . -0.68 -6.23 6.79
C THF B . -0.08 -8.66 6.21
O THF B . 0.66 -9.60 6.51
N THF B . -1.16 -8.91 5.41
CA THF B . -1.83 -10.22 5.42
CB THF B . -2.95 -10.23 6.37
CG THF B . -2.55 -10.91 7.68
CD THF B . -2.98 -10.24 9.02
OE1 THF B . -3.14 -10.97 10.02
OE2 THF B . -2.96 -9.00 9.12
CT THF B . -2.05 -11.05 4.11
O1 THF B . -1.32 -12.04 3.91
O2 THF B . -3.10 -10.88 3.44
CP1 THF B . 4.21 -1.22 8.51
O3 THF B . 4.72 -0.35 9.53
N1 UFP C . 6.18 -2.09 4.96
C2 UFP C . 5.85 -1.37 3.76
N3 UFP C . 4.61 -1.62 3.13
C4 UFP C . 3.63 -2.48 3.64
C5 UFP C . 4.04 -3.21 4.89
C6 UFP C . 5.29 -2.96 5.54
O2 UFP C . 6.57 -0.53 3.24
O4 UFP C . 2.52 -2.53 3.05
F5 UFP C . 3.30 -4.23 5.26
C1' UFP C . 7.45 -1.99 5.70
C2' UFP C . 8.74 -2.41 5.24
C3' UFP C . 9.58 -2.24 6.45
C4' UFP C . 8.73 -1.22 7.29
O3' UFP C . 9.67 -3.50 7.17
O4' UFP C . 7.30 -1.51 6.93
C5' UFP C . 9.10 0.24 7.28
O5' UFP C . 10.35 0.46 8.04
P UFP C . 11.02 1.99 8.17
O1P UFP C . 12.42 1.94 8.85
O2P UFP C . 11.04 2.26 6.68
O3P UFP C . 10.03 2.76 9.01
#